data_6VGZ
#
_entry.id   6VGZ
#
_cell.length_a   76.201
_cell.length_b   91.726
_cell.length_c   101.586
_cell.angle_alpha   90.000
_cell.angle_beta   90.000
_cell.angle_gamma   90.000
#
_symmetry.space_group_name_H-M   'P 21 21 21'
#
loop_
_entity.id
_entity.type
_entity.pdbx_description
1 polymer 'Orf1a protein'
2 non-polymer N-{(2S)-1-hydroxy-3-[(3S)-2-oxopyrrolidin-3-yl]propan-2-yl}-N~2~-({[trans-4-(propan-2-yl)cyclohexyl]oxy}carbonyl)-L-leucinamide
3 water water
#
_entity_poly.entity_id   1
_entity_poly.type   'polypeptide(L)'
_entity_poly.pdbx_seq_one_letter_code
;MHHHHHHSGLVKMSHPSGDVEACMVQVTCGSMTLNGLWLDNTVWCPRHVMCPADQLSDPNYDALLISMTNHSFSVQKHIG
APANLRVVGHAMQGTLLKLTVDVANPSTPAYTFTTVKPGAAFSVLACYNGRPTGTFTVVMRPNYTIKGSFLCGSCGSVGY
TKEGSVINFCYMHQMELANGTHTGSAFDGTMYGAFMDKQVHQVQLTDKYCSVNVVAWLYAAILNGCAWFVKPNRTSVVSF
NEWALANQFTEFVGTQSVDMLAVKTGVAIEQLLYAIQQLYTGFQGKQILGSTMLEDEFTPEDVNMQIMGVVMQ
;
_entity_poly.pdbx_strand_id   A,B
#
loop_
_chem_comp.id
_chem_comp.type
_chem_comp.name
_chem_comp.formula
QZG non-polymer N-{(2S)-1-hydroxy-3-[(3S)-2-oxopyrrolidin-3-yl]propan-2-yl}-N~2~-({[trans-4-(propan-2-yl)cyclohexyl]oxy}carbonyl)-L-leucinamide 'C23 H41 N3 O5'
#
# COMPACT_ATOMS: atom_id res chain seq x y z
N HIS A 6 -21.66 2.71 0.09
CA HIS A 6 -20.71 3.82 0.45
C HIS A 6 -19.32 3.30 0.82
N HIS A 7 -18.36 3.58 -0.06
CA HIS A 7 -16.96 3.23 0.18
C HIS A 7 -16.48 3.98 1.41
N SER A 8 -15.96 3.22 2.39
CA SER A 8 -15.61 3.79 3.68
C SER A 8 -14.39 4.70 3.63
N GLY A 9 -13.52 4.49 2.64
CA GLY A 9 -12.21 5.11 2.64
C GLY A 9 -11.19 4.40 3.50
N LEU A 10 -11.46 3.16 3.93
CA LEU A 10 -10.56 2.41 4.80
C LEU A 10 -9.70 1.49 3.95
N VAL A 11 -8.41 1.82 3.82
CA VAL A 11 -7.53 1.10 2.93
C VAL A 11 -6.18 0.86 3.59
N LYS A 12 -5.44 -0.11 3.03
CA LYS A 12 -4.07 -0.40 3.43
C LYS A 12 -3.18 0.77 3.02
N MET A 13 -2.76 1.58 3.99
CA MET A 13 -1.98 2.77 3.72
C MET A 13 -0.57 2.59 4.27
N SER A 14 0.42 2.89 3.44
CA SER A 14 1.81 2.82 3.87
C SER A 14 2.38 4.22 4.12
N HIS A 15 3.40 4.27 4.96
CA HIS A 15 4.12 5.54 5.13
C HIS A 15 4.89 5.88 3.86
N PRO A 16 4.99 7.16 3.49
CA PRO A 16 5.95 7.57 2.44
C PRO A 16 7.34 7.05 2.73
N SER A 17 7.96 6.42 1.73
CA SER A 17 9.18 5.63 1.93
C SER A 17 10.46 6.41 1.65
N GLY A 18 10.37 7.67 1.22
CA GLY A 18 11.56 8.38 0.76
C GLY A 18 12.71 8.36 1.76
N ASP A 19 12.39 8.68 3.03
CA ASP A 19 13.40 8.67 4.07
C ASP A 19 14.18 7.37 4.12
N VAL A 20 13.50 6.25 3.92
CA VAL A 20 14.14 4.94 4.06
C VAL A 20 14.84 4.55 2.77
N GLU A 21 14.26 4.89 1.62
CA GLU A 21 14.91 4.55 0.35
C GLU A 21 16.36 5.02 0.37
N ALA A 22 16.60 6.18 0.97
CA ALA A 22 17.90 6.82 0.98
C ALA A 22 18.90 6.08 1.83
N CYS A 23 18.48 5.07 2.58
CA CYS A 23 19.39 4.32 3.44
C CYS A 23 19.70 2.93 2.91
N MET A 24 19.04 2.49 1.85
CA MET A 24 19.17 1.13 1.35
C MET A 24 20.46 0.99 0.53
N VAL A 25 21.20 -0.08 0.79
CA VAL A 25 22.42 -0.42 0.07
C VAL A 25 22.35 -1.91 -0.27
N GLN A 26 23.25 -2.33 -1.15
CA GLN A 26 23.46 -3.74 -1.40
C GLN A 26 24.69 -4.22 -0.63
N VAL A 27 24.59 -5.40 -0.02
CA VAL A 27 25.69 -6.00 0.70
C VAL A 27 26.06 -7.31 0.03
N THR A 28 27.35 -7.49 -0.23
CA THR A 28 27.88 -8.69 -0.83
C THR A 28 28.96 -9.28 0.05
N CYS A 29 28.94 -10.61 0.16
CA CYS A 29 29.94 -11.36 0.92
C CYS A 29 30.22 -12.63 0.15
N GLY A 30 31.42 -12.75 -0.37
CA GLY A 30 31.70 -13.87 -1.24
C GLY A 30 30.71 -13.82 -2.39
N SER A 31 29.89 -14.86 -2.49
CA SER A 31 28.99 -15.03 -3.63
C SER A 31 27.53 -14.82 -3.26
N MET A 32 27.23 -14.27 -2.09
CA MET A 32 25.86 -13.98 -1.67
C MET A 32 25.65 -12.46 -1.66
N THR A 33 24.43 -12.02 -2.00
CA THR A 33 24.07 -10.61 -1.87
C THR A 33 22.66 -10.47 -1.34
N LEU A 34 22.44 -9.39 -0.58
CA LEU A 34 21.13 -9.01 -0.13
C LEU A 34 21.18 -7.53 0.20
N ASN A 35 20.17 -7.05 0.92
CA ASN A 35 20.01 -5.65 1.21
C ASN A 35 20.53 -5.33 2.60
N GLY A 36 20.89 -4.07 2.80
CA GLY A 36 21.25 -3.58 4.11
C GLY A 36 20.79 -2.14 4.28
N LEU A 37 20.83 -1.71 5.53
CA LEU A 37 20.31 -0.43 5.95
C LEU A 37 21.47 0.42 6.43
N TRP A 38 21.64 1.60 5.84
CA TRP A 38 22.83 2.45 6.03
C TRP A 38 22.41 3.68 6.83
N LEU A 39 22.83 3.73 8.09
CA LEU A 39 22.49 4.78 9.03
C LEU A 39 23.79 5.28 9.65
N ASP A 40 24.14 6.54 9.39
CA ASP A 40 25.40 7.13 9.87
C ASP A 40 26.55 6.38 9.21
N ASN A 41 27.45 5.75 9.97
CA ASN A 41 28.58 4.99 9.43
C ASN A 41 28.35 3.49 9.54
N THR A 42 27.12 3.07 9.86
CA THR A 42 26.79 1.67 10.11
C THR A 42 25.91 1.12 8.99
N VAL A 43 26.22 -0.09 8.54
CA VAL A 43 25.38 -0.79 7.59
C VAL A 43 24.87 -2.03 8.30
N TRP A 44 23.56 -2.16 8.38
CA TRP A 44 22.92 -3.32 8.99
C TRP A 44 22.49 -4.30 7.91
N CYS A 45 22.69 -5.59 8.16
CA CYS A 45 22.19 -6.60 7.22
C CYS A 45 22.08 -7.93 7.94
N PRO A 46 21.32 -8.87 7.37
CA PRO A 46 21.21 -10.20 7.99
C PRO A 46 22.52 -10.96 7.89
N ARG A 47 22.86 -11.65 8.97
CA ARG A 47 24.11 -12.38 9.02
C ARG A 47 24.18 -13.53 8.03
N HIS A 48 23.04 -14.05 7.52
CA HIS A 48 23.25 -15.19 6.63
C HIS A 48 23.81 -14.79 5.27
N VAL A 49 24.13 -13.51 5.07
CA VAL A 49 24.93 -13.13 3.91
C VAL A 49 26.31 -13.78 3.94
N MET A 50 26.76 -14.24 5.12
CA MET A 50 28.03 -14.94 5.24
C MET A 50 28.00 -16.38 4.77
N CYS A 51 26.82 -16.95 4.49
CA CYS A 51 26.71 -18.39 4.30
CA CYS A 51 26.68 -18.39 4.30
C CYS A 51 26.75 -18.75 2.83
N PRO A 52 27.62 -19.67 2.42
CA PRO A 52 27.51 -20.21 1.05
C PRO A 52 26.13 -20.85 0.90
N ALA A 53 25.59 -20.78 -0.32
CA ALA A 53 24.30 -21.42 -0.53
C ALA A 53 24.37 -22.90 -0.16
N ASP A 54 25.54 -23.53 -0.35
CA ASP A 54 25.70 -24.93 -0.01
C ASP A 54 25.25 -25.24 1.41
N GLN A 55 25.43 -24.32 2.34
CA GLN A 55 25.44 -24.66 3.77
C GLN A 55 24.36 -23.93 4.58
N LEU A 56 23.23 -23.59 3.95
CA LEU A 56 22.18 -22.80 4.62
C LEU A 56 21.38 -23.59 5.67
N SER A 57 21.50 -24.91 5.71
CA SER A 57 20.66 -25.71 6.59
C SER A 57 21.03 -25.54 8.06
N ASP A 58 22.33 -25.60 8.39
CA ASP A 58 22.80 -25.47 9.78
C ASP A 58 24.11 -24.71 9.76
N PRO A 59 24.08 -23.41 9.50
CA PRO A 59 25.32 -22.65 9.45
C PRO A 59 25.87 -22.44 10.84
N ASN A 60 27.19 -22.41 10.92
CA ASN A 60 27.89 -22.09 12.14
C ASN A 60 28.27 -20.61 12.05
N TYR A 61 27.41 -19.76 12.60
CA TYR A 61 27.56 -18.33 12.39
C TYR A 61 28.77 -17.76 13.10
N ASP A 62 29.11 -18.33 14.26
CA ASP A 62 30.29 -17.86 14.97
C ASP A 62 31.58 -18.24 14.23
N ALA A 63 31.61 -19.40 13.57
CA ALA A 63 32.81 -19.72 12.80
C ALA A 63 32.87 -18.90 11.51
N LEU A 64 31.73 -18.69 10.86
CA LEU A 64 31.73 -17.87 9.66
C LEU A 64 32.21 -16.45 9.96
N LEU A 65 31.75 -15.86 11.06
CA LEU A 65 32.18 -14.51 11.42
C LEU A 65 33.69 -14.43 11.63
N ILE A 66 34.25 -15.40 12.35
CA ILE A 66 35.68 -15.43 12.61
C ILE A 66 36.47 -15.56 11.31
N SER A 67 35.93 -16.27 10.34
CA SER A 67 36.64 -16.48 9.08
C SER A 67 36.62 -15.26 8.18
N MET A 68 35.82 -14.26 8.49
CA MET A 68 35.72 -13.10 7.62
C MET A 68 36.77 -12.05 7.97
N THR A 69 37.07 -11.20 6.98
CA THR A 69 37.73 -9.92 7.18
C THR A 69 36.86 -8.80 6.63
N ASN A 70 37.15 -7.57 7.05
CA ASN A 70 36.44 -6.40 6.50
C ASN A 70 36.40 -6.46 4.98
N HIS A 71 37.51 -6.84 4.35
CA HIS A 71 37.56 -6.95 2.90
C HIS A 71 36.73 -8.11 2.38
N SER A 72 36.20 -8.98 3.26
CA SER A 72 35.21 -9.98 2.84
C SER A 72 33.91 -9.34 2.33
N PHE A 73 33.56 -8.18 2.87
CA PHE A 73 32.24 -7.57 2.66
C PHE A 73 32.36 -6.40 1.69
N SER A 74 31.46 -6.36 0.72
CA SER A 74 31.37 -5.27 -0.24
C SER A 74 30.01 -4.60 -0.09
N VAL A 75 30.02 -3.26 0.04
CA VAL A 75 28.81 -2.46 0.14
C VAL A 75 28.75 -1.52 -1.05
N GLN A 76 27.65 -1.58 -1.80
CA GLN A 76 27.40 -0.72 -2.95
C GLN A 76 26.09 0.00 -2.71
N LYS A 77 26.07 1.31 -2.95
CA LYS A 77 24.87 2.13 -2.75
C LYS A 77 24.38 2.59 -4.12
N HIS A 78 23.25 2.04 -4.56
CA HIS A 78 22.53 2.56 -5.74
C HIS A 78 21.29 3.33 -5.29
N LEU A 85 31.59 2.12 -1.32
CA LEU A 85 31.55 2.11 0.15
C LEU A 85 32.45 1.03 0.76
N ARG A 86 33.45 1.47 1.51
CA ARG A 86 34.50 0.61 2.02
C ARG A 86 34.19 0.22 3.47
N VAL A 87 34.16 -1.08 3.75
CA VAL A 87 33.94 -1.60 5.11
C VAL A 87 35.25 -1.59 5.88
N VAL A 88 35.22 -1.02 7.09
CA VAL A 88 36.41 -0.99 7.96
C VAL A 88 36.08 -1.54 9.34
N GLY A 89 34.94 -2.20 9.47
CA GLY A 89 34.60 -2.89 10.71
C GLY A 89 33.50 -3.90 10.48
N HIS A 90 33.43 -4.89 11.37
CA HIS A 90 32.36 -5.88 11.29
C HIS A 90 32.17 -6.53 12.66
N ALA A 91 30.93 -6.55 13.14
CA ALA A 91 30.51 -7.27 14.34
C ALA A 91 29.18 -7.98 14.10
N MET A 92 28.84 -8.89 15.00
CA MET A 92 27.58 -9.64 14.94
C MET A 92 26.73 -9.29 16.15
N GLN A 93 25.45 -8.97 15.91
CA GLN A 93 24.48 -8.73 16.98
C GLN A 93 23.26 -9.61 16.74
N GLY A 94 23.13 -10.66 17.52
CA GLY A 94 22.02 -11.57 17.32
C GLY A 94 22.05 -12.11 15.91
N THR A 95 20.95 -11.95 15.19
CA THR A 95 20.82 -12.50 13.84
C THR A 95 21.22 -11.48 12.76
N LEU A 96 21.82 -10.35 13.15
CA LEU A 96 22.18 -9.28 12.25
C LEU A 96 23.69 -8.99 12.26
N LEU A 97 24.19 -8.47 11.15
CA LEU A 97 25.54 -7.91 11.10
C LEU A 97 25.48 -6.39 11.25
N LYS A 98 26.47 -5.85 11.95
CA LYS A 98 26.68 -4.41 12.11
C LYS A 98 28.02 -4.12 11.45
N LEU A 99 27.99 -3.64 10.21
CA LEU A 99 29.20 -3.29 9.46
C LEU A 99 29.47 -1.80 9.60
N THR A 100 30.71 -1.44 9.92
CA THR A 100 31.12 -0.05 9.87
C THR A 100 31.78 0.24 8.53
N VAL A 101 31.31 1.28 7.83
CA VAL A 101 31.92 1.74 6.59
C VAL A 101 32.55 3.11 6.85
N ASP A 102 33.33 3.60 5.86
CA ASP A 102 34.11 4.82 6.05
C ASP A 102 33.32 6.11 5.75
N VAL A 103 32.36 6.09 4.82
CA VAL A 103 31.52 7.25 4.55
C VAL A 103 30.26 7.18 5.39
N ALA A 104 29.83 8.35 5.87
CA ALA A 104 28.60 8.46 6.66
C ALA A 104 27.43 8.73 5.71
N ASN A 105 26.29 8.11 5.99
CA ASN A 105 25.10 8.41 5.21
C ASN A 105 24.70 9.83 5.56
N PRO A 106 24.72 10.77 4.60
CA PRO A 106 24.37 12.16 4.96
C PRO A 106 22.88 12.35 5.19
N SER A 107 22.06 11.56 4.51
CA SER A 107 20.61 11.61 4.61
C SER A 107 20.05 10.62 5.62
N THR A 108 20.79 10.39 6.72
CA THR A 108 20.30 9.62 7.84
C THR A 108 19.15 10.33 8.53
N PRO A 109 17.92 9.81 8.46
CA PRO A 109 16.82 10.46 9.16
C PRO A 109 16.99 10.28 10.67
N ALA A 110 16.39 11.20 11.40
CA ALA A 110 16.13 10.93 12.80
C ALA A 110 15.36 9.63 12.90
N TYR A 111 15.79 8.77 13.83
CA TYR A 111 15.23 7.42 13.91
C TYR A 111 15.39 6.88 15.32
N THR A 112 14.67 5.77 15.59
CA THR A 112 14.83 4.95 16.78
C THR A 112 14.68 3.47 16.38
N PHE A 113 14.84 2.58 17.35
CA PHE A 113 14.70 1.13 17.15
C PHE A 113 13.64 0.62 18.13
N THR A 114 12.54 0.10 17.60
CA THR A 114 11.47 -0.40 18.43
C THR A 114 11.11 -1.81 18.01
N THR A 115 10.70 -2.60 18.98
CA THR A 115 10.17 -3.93 18.73
C THR A 115 8.64 -3.83 18.75
N VAL A 116 8.02 -4.05 17.58
CA VAL A 116 6.57 -4.02 17.47
C VAL A 116 5.98 -5.26 18.13
N LYS A 117 4.74 -5.10 18.68
CA LYS A 117 3.91 -6.12 19.30
C LYS A 117 2.80 -6.56 18.34
N PRO A 118 2.28 -7.78 18.54
CA PRO A 118 1.18 -8.26 17.71
C PRO A 118 0.01 -7.29 17.65
N GLY A 119 -0.63 -7.24 16.49
CA GLY A 119 -1.68 -6.30 16.22
C GLY A 119 -1.21 -4.97 15.64
N ALA A 120 0.08 -4.64 15.80
CA ALA A 120 0.58 -3.36 15.32
C ALA A 120 0.91 -3.44 13.84
N ALA A 121 0.63 -2.36 13.12
CA ALA A 121 0.94 -2.22 11.72
C ALA A 121 2.27 -1.51 11.50
N PHE A 122 3.04 -1.94 10.49
CA PHE A 122 4.19 -1.20 10.01
C PHE A 122 4.30 -1.32 8.49
N SER A 123 5.08 -0.40 7.94
CA SER A 123 5.35 -0.34 6.51
C SER A 123 6.64 -1.07 6.21
N VAL A 124 6.67 -1.75 5.07
CA VAL A 124 7.83 -2.48 4.59
C VAL A 124 8.27 -1.85 3.28
N LEU A 125 9.56 -1.58 3.16
CA LEU A 125 10.16 -1.21 1.88
C LEU A 125 10.87 -2.44 1.36
N ALA A 126 10.26 -3.12 0.40
CA ALA A 126 10.82 -4.32 -0.20
C ALA A 126 11.89 -3.95 -1.23
N CYS A 127 13.09 -4.52 -1.06
CA CYS A 127 14.23 -4.19 -1.92
C CYS A 127 14.87 -5.44 -2.49
N TYR A 128 15.38 -5.32 -3.71
CA TYR A 128 16.16 -6.37 -4.34
C TYR A 128 17.45 -5.76 -4.92
N ASN A 129 18.61 -6.30 -4.49
CA ASN A 129 19.94 -5.84 -4.93
C ASN A 129 20.20 -4.40 -4.53
N GLY A 130 19.71 -4.01 -3.35
CA GLY A 130 19.83 -2.65 -2.90
C GLY A 130 18.86 -1.66 -3.53
N ARG A 131 18.04 -2.08 -4.50
CA ARG A 131 17.17 -1.15 -5.21
C ARG A 131 15.75 -1.27 -4.66
N PRO A 132 15.21 -0.24 -4.01
CA PRO A 132 13.81 -0.33 -3.54
C PRO A 132 12.85 -0.61 -4.68
N THR A 133 11.94 -1.54 -4.45
CA THR A 133 11.04 -1.95 -5.52
C THR A 133 9.57 -1.80 -5.19
N GLY A 134 9.20 -1.85 -3.92
CA GLY A 134 7.80 -1.79 -3.57
C GLY A 134 7.63 -1.48 -2.11
N THR A 135 6.44 -0.99 -1.76
CA THR A 135 6.12 -0.74 -0.37
C THR A 135 4.70 -1.20 -0.07
N PHE A 136 4.54 -1.81 1.10
CA PHE A 136 3.25 -2.33 1.51
C PHE A 136 3.19 -2.30 3.03
N THR A 137 1.99 -2.41 3.56
CA THR A 137 1.76 -2.42 5.00
CA THR A 137 1.78 -2.43 5.00
C THR A 137 1.40 -3.82 5.46
N VAL A 138 1.99 -4.25 6.58
CA VAL A 138 1.70 -5.53 7.18
C VAL A 138 1.33 -5.31 8.64
N VAL A 139 0.79 -6.38 9.24
CA VAL A 139 0.44 -6.43 10.65
C VAL A 139 1.23 -7.58 11.26
N MET A 140 1.91 -7.31 12.36
CA MET A 140 2.60 -8.38 13.08
C MET A 140 1.55 -9.30 13.67
N ARG A 141 1.51 -10.55 13.21
CA ARG A 141 0.47 -11.46 13.68
C ARG A 141 0.76 -11.90 15.12
N PRO A 142 -0.26 -12.41 15.83
CA PRO A 142 -0.01 -12.97 17.18
C PRO A 142 0.94 -14.16 17.21
N ASN A 143 1.17 -14.85 16.09
CA ASN A 143 2.22 -15.86 16.03
C ASN A 143 3.55 -15.29 15.52
N TYR A 144 3.70 -13.96 15.48
CA TYR A 144 4.99 -13.30 15.20
C TYR A 144 5.48 -13.56 13.78
N THR A 145 4.54 -13.68 12.84
CA THR A 145 4.79 -13.75 11.41
C THR A 145 4.07 -12.58 10.75
N ILE A 146 4.42 -12.34 9.49
CA ILE A 146 3.75 -11.33 8.69
C ILE A 146 3.48 -11.95 7.33
N LYS A 147 2.56 -11.33 6.62
CA LYS A 147 2.29 -11.70 5.24
C LYS A 147 3.21 -10.94 4.31
N GLY A 148 2.69 -9.92 3.61
CA GLY A 148 3.55 -9.21 2.67
C GLY A 148 3.96 -10.05 1.46
N SER A 149 4.84 -9.45 0.67
CA SER A 149 5.36 -10.08 -0.55
C SER A 149 6.87 -10.02 -0.49
N PHE A 150 7.52 -11.19 -0.46
CA PHE A 150 8.96 -11.29 -0.31
C PHE A 150 9.44 -12.45 -1.17
N LEU A 151 10.27 -12.15 -2.16
CA LEU A 151 10.86 -13.17 -3.02
C LEU A 151 12.34 -13.32 -2.68
N CYS A 152 13.03 -14.23 -3.39
CA CYS A 152 14.47 -14.39 -3.26
C CYS A 152 15.18 -13.05 -3.51
N GLY A 153 16.15 -12.75 -2.66
CA GLY A 153 16.87 -11.49 -2.72
C GLY A 153 16.28 -10.38 -1.87
N SER A 154 15.10 -10.61 -1.27
CA SER A 154 14.44 -9.56 -0.51
C SER A 154 15.00 -9.39 0.89
N CYS A 155 15.87 -10.29 1.36
CA CYS A 155 16.35 -10.18 2.72
C CYS A 155 17.14 -8.89 2.92
N GLY A 156 17.00 -8.30 4.10
CA GLY A 156 17.50 -6.99 4.36
C GLY A 156 16.49 -5.90 4.16
N SER A 157 15.35 -6.22 3.52
CA SER A 157 14.26 -5.26 3.42
C SER A 157 13.83 -4.84 4.82
N VAL A 158 13.44 -3.58 4.98
CA VAL A 158 13.20 -3.09 6.33
C VAL A 158 11.75 -2.66 6.47
N GLY A 159 11.24 -2.85 7.69
CA GLY A 159 9.95 -2.37 8.10
C GLY A 159 10.13 -1.30 9.15
N TYR A 160 9.20 -0.34 9.17
CA TYR A 160 9.32 0.86 10.00
C TYR A 160 7.95 1.47 10.24
N THR A 161 7.80 2.16 11.36
CA THR A 161 6.72 3.09 11.60
C THR A 161 7.28 4.52 11.59
N LYS A 162 6.38 5.49 11.74
CA LYS A 162 6.75 6.89 11.94
C LYS A 162 5.94 7.49 13.08
N GLU A 163 6.64 8.19 13.99
CA GLU A 163 6.05 9.02 15.04
C GLU A 163 6.61 10.42 14.85
N GLY A 164 5.91 11.24 14.06
CA GLY A 164 6.43 12.53 13.64
C GLY A 164 7.29 12.41 12.39
N SER A 165 8.43 13.09 12.36
CA SER A 165 9.46 12.87 11.36
C SER A 165 10.42 11.76 11.75
N VAL A 166 10.24 11.19 12.94
CA VAL A 166 11.11 10.15 13.47
C VAL A 166 10.70 8.80 12.91
N ILE A 167 11.67 8.05 12.38
CA ILE A 167 11.44 6.71 11.88
C ILE A 167 11.80 5.72 12.95
N ASN A 168 10.90 4.77 13.24
CA ASN A 168 11.19 3.67 14.15
C ASN A 168 11.37 2.44 13.28
N PHE A 169 12.61 2.01 13.15
CA PHE A 169 12.94 0.81 12.41
C PHE A 169 12.63 -0.36 13.32
N CYS A 170 11.71 -1.22 12.88
CA CYS A 170 11.29 -2.34 13.70
C CYS A 170 11.54 -3.72 13.09
N TYR A 171 11.93 -3.79 11.81
CA TYR A 171 11.95 -5.09 11.13
C TYR A 171 13.01 -5.13 10.04
N MET A 172 13.78 -6.23 10.01
CA MET A 172 14.66 -6.54 8.88
C MET A 172 14.38 -7.97 8.41
N HIS A 173 13.89 -8.10 7.18
CA HIS A 173 13.40 -9.38 6.66
C HIS A 173 14.48 -10.44 6.58
N GLN A 174 14.10 -11.69 6.91
CA GLN A 174 15.01 -12.82 7.06
C GLN A 174 14.58 -14.10 6.35
N MET A 175 13.29 -14.44 6.34
CA MET A 175 12.95 -15.78 5.92
C MET A 175 11.46 -15.93 5.63
N GLU A 176 11.15 -17.02 4.92
CA GLU A 176 9.79 -17.45 4.60
C GLU A 176 9.52 -18.80 5.24
N LEU A 177 8.35 -18.97 5.85
CA LEU A 177 8.01 -20.24 6.46
C LEU A 177 7.23 -21.11 5.48
N ALA A 178 6.97 -22.36 5.91
CA ALA A 178 6.38 -23.36 5.03
C ALA A 178 5.06 -22.88 4.44
N ASN A 179 4.28 -22.16 5.23
CA ASN A 179 2.94 -21.74 4.83
C ASN A 179 2.92 -20.43 4.04
N GLY A 180 4.06 -19.91 3.60
CA GLY A 180 4.09 -18.71 2.80
C GLY A 180 4.16 -17.42 3.57
N THR A 181 4.15 -17.46 4.90
CA THR A 181 4.31 -16.26 5.69
C THR A 181 5.79 -16.02 5.97
N HIS A 182 6.09 -14.96 6.71
CA HIS A 182 7.42 -14.41 6.78
C HIS A 182 7.74 -13.96 8.20
N THR A 183 9.03 -13.81 8.47
CA THR A 183 9.48 -13.23 9.73
C THR A 183 10.91 -12.72 9.56
N GLY A 184 11.33 -11.92 10.52
CA GLY A 184 12.60 -11.23 10.45
C GLY A 184 13.07 -10.82 11.84
N SER A 185 14.04 -9.92 11.87
CA SER A 185 14.65 -9.48 13.12
C SER A 185 14.20 -8.09 13.51
N ALA A 186 14.12 -7.85 14.82
CA ALA A 186 14.18 -6.48 15.29
C ALA A 186 15.64 -6.02 15.29
N PHE A 187 15.84 -4.71 15.39
CA PHE A 187 17.20 -4.22 15.25
C PHE A 187 18.07 -4.42 16.51
N ASP A 188 17.53 -4.93 17.60
CA ASP A 188 18.41 -5.47 18.64
C ASP A 188 18.95 -6.87 18.32
N GLY A 189 18.61 -7.44 17.15
CA GLY A 189 19.17 -8.71 16.72
C GLY A 189 18.31 -9.93 17.01
N THR A 190 17.21 -9.77 17.73
CA THR A 190 16.31 -10.89 18.01
C THR A 190 15.35 -11.14 16.85
N MET A 191 15.14 -12.41 16.54
CA MET A 191 14.09 -12.79 15.61
C MET A 191 12.73 -12.66 16.28
N TYR A 192 11.77 -12.04 15.59
CA TYR A 192 10.39 -12.09 16.06
C TYR A 192 9.95 -13.53 16.19
N GLY A 193 9.27 -13.83 17.30
CA GLY A 193 8.80 -15.17 17.53
C GLY A 193 9.89 -16.19 17.83
N ALA A 194 11.15 -15.77 17.97
CA ALA A 194 12.25 -16.66 18.31
C ALA A 194 12.50 -17.73 17.24
N PHE A 195 12.10 -17.46 16.00
CA PHE A 195 12.50 -18.32 14.90
C PHE A 195 14.01 -18.23 14.69
N MET A 196 14.59 -19.35 14.27
CA MET A 196 16.02 -19.42 14.00
C MET A 196 16.27 -19.05 12.56
N ASP A 197 17.34 -18.28 12.35
CA ASP A 197 17.73 -17.92 11.00
C ASP A 197 18.54 -19.06 10.40
N LYS A 198 17.85 -20.20 10.24
CA LYS A 198 18.40 -21.30 9.48
C LYS A 198 17.27 -21.97 8.69
N GLN A 199 17.68 -22.60 7.60
CA GLN A 199 16.75 -23.07 6.57
C GLN A 199 16.28 -24.48 6.92
N VAL A 200 15.46 -24.52 7.96
CA VAL A 200 14.96 -25.75 8.54
C VAL A 200 13.50 -25.56 8.91
N HIS A 201 12.73 -26.64 8.80
CA HIS A 201 11.32 -26.59 9.18
C HIS A 201 11.18 -26.19 10.64
N GLN A 202 10.25 -25.28 10.91
CA GLN A 202 10.04 -24.77 12.25
C GLN A 202 8.54 -24.63 12.46
N VAL A 203 8.10 -24.95 13.67
CA VAL A 203 6.67 -25.01 13.97
C VAL A 203 6.17 -23.60 14.22
N GLN A 204 5.17 -23.21 13.43
CA GLN A 204 4.49 -21.95 13.61
C GLN A 204 3.27 -22.17 14.49
N LEU A 205 3.11 -21.32 15.50
CA LEU A 205 1.87 -21.30 16.29
C LEU A 205 0.69 -20.84 15.44
N THR A 206 -0.50 -21.33 15.78
CA THR A 206 -1.68 -20.94 15.02
C THR A 206 -1.99 -19.48 15.26
N ASP A 207 -2.58 -18.86 14.25
CA ASP A 207 -2.88 -17.46 14.33
C ASP A 207 -4.10 -17.23 15.23
N LYS A 208 -4.32 -15.96 15.58
CA LYS A 208 -5.43 -15.54 16.43
C LYS A 208 -6.00 -14.25 15.86
N TYR A 209 -7.18 -13.89 16.32
CA TYR A 209 -7.81 -12.63 15.94
C TYR A 209 -7.34 -11.54 16.89
N CYS A 210 -6.88 -10.40 16.34
CA CYS A 210 -6.50 -9.26 17.16
CA CYS A 210 -6.51 -9.28 17.21
C CYS A 210 -7.77 -8.50 17.53
N SER A 211 -8.24 -8.69 18.75
CA SER A 211 -9.51 -8.14 19.18
C SER A 211 -9.56 -6.63 19.09
N VAL A 212 -8.48 -5.95 19.49
CA VAL A 212 -8.55 -4.50 19.45
C VAL A 212 -8.70 -4.04 18.00
N ASN A 213 -8.13 -4.79 17.06
CA ASN A 213 -8.27 -4.36 15.67
C ASN A 213 -9.67 -4.68 15.15
N VAL A 214 -10.25 -5.81 15.57
CA VAL A 214 -11.65 -6.13 15.22
C VAL A 214 -12.57 -5.04 15.75
N VAL A 215 -12.34 -4.58 16.98
CA VAL A 215 -13.13 -3.50 17.53
C VAL A 215 -13.01 -2.26 16.66
N ALA A 216 -11.78 -1.94 16.24
CA ALA A 216 -11.57 -0.73 15.47
C ALA A 216 -12.33 -0.80 14.15
N TRP A 217 -12.36 -2.00 13.54
CA TRP A 217 -13.08 -2.21 12.29
C TRP A 217 -14.58 -2.04 12.47
N LEU A 218 -15.13 -2.54 13.58
CA LEU A 218 -16.55 -2.32 13.86
C LEU A 218 -16.84 -0.85 14.10
N TYR A 219 -15.91 -0.12 14.72
CA TYR A 219 -16.13 1.32 14.86
C TYR A 219 -16.12 2.00 13.50
N ALA A 220 -15.25 1.57 12.60
CA ALA A 220 -15.24 2.11 11.25
C ALA A 220 -16.60 1.91 10.59
N ALA A 221 -17.16 0.71 10.75
CA ALA A 221 -18.47 0.41 10.17
C ALA A 221 -19.54 1.37 10.67
N ILE A 222 -19.60 1.56 12.00
CA ILE A 222 -20.56 2.50 12.58
C ILE A 222 -20.35 3.90 12.01
N LEU A 223 -19.11 4.36 11.93
CA LEU A 223 -18.86 5.68 11.37
C LEU A 223 -19.27 5.75 9.91
N ASN A 224 -19.19 4.62 9.20
CA ASN A 224 -19.59 4.53 7.81
C ASN A 224 -21.10 4.36 7.65
N GLY A 225 -21.85 4.39 8.75
CA GLY A 225 -23.30 4.21 8.67
C GLY A 225 -23.75 2.77 8.58
N CYS A 226 -22.94 1.83 9.04
CA CYS A 226 -23.30 0.41 9.07
C CYS A 226 -23.25 -0.01 10.52
N ALA A 227 -24.41 0.01 11.18
CA ALA A 227 -24.48 -0.26 12.62
C ALA A 227 -25.60 -1.23 12.97
N TRP A 228 -26.03 -2.06 12.01
CA TRP A 228 -27.10 -3.01 12.30
C TRP A 228 -26.73 -3.94 13.46
N PHE A 229 -25.45 -4.25 13.63
CA PHE A 229 -24.99 -5.20 14.64
C PHE A 229 -24.93 -4.59 16.04
N VAL A 230 -25.28 -3.31 16.20
CA VAL A 230 -25.10 -2.62 17.47
C VAL A 230 -26.37 -2.80 18.31
N LYS A 231 -26.23 -3.53 19.41
CA LYS A 231 -27.28 -3.76 20.38
C LYS A 231 -26.88 -3.13 21.71
N PRO A 232 -27.84 -2.88 22.61
CA PRO A 232 -27.48 -2.34 23.94
C PRO A 232 -26.82 -3.36 24.83
N ASN A 233 -26.82 -4.63 24.44
CA ASN A 233 -26.11 -5.66 25.18
C ASN A 233 -24.63 -5.34 25.26
N ARG A 234 -24.03 -5.70 26.41
CA ARG A 234 -22.65 -5.37 26.71
C ARG A 234 -21.95 -6.61 27.27
N THR A 235 -20.68 -6.76 26.91
CA THR A 235 -19.78 -7.71 27.54
C THR A 235 -18.60 -6.93 28.11
N SER A 236 -18.26 -7.20 29.36
CA SER A 236 -17.10 -6.57 29.97
C SER A 236 -15.81 -7.11 29.33
N VAL A 237 -14.73 -6.38 29.55
CA VAL A 237 -13.43 -6.80 29.02
C VAL A 237 -13.04 -8.18 29.55
N VAL A 238 -13.27 -8.43 30.84
CA VAL A 238 -12.71 -9.63 31.45
C VAL A 238 -13.50 -10.87 31.04
N SER A 239 -14.82 -10.74 30.88
CA SER A 239 -15.59 -11.84 30.33
C SER A 239 -15.18 -12.11 28.89
N PHE A 240 -15.06 -11.04 28.08
CA PHE A 240 -14.57 -11.20 26.71
C PHE A 240 -13.22 -11.90 26.69
N ASN A 241 -12.27 -11.42 27.51
CA ASN A 241 -10.95 -12.02 27.53
C ASN A 241 -11.01 -13.49 27.88
N GLU A 242 -11.76 -13.86 28.92
CA GLU A 242 -11.96 -15.28 29.22
C GLU A 242 -12.52 -16.02 28.02
N TRP A 243 -13.56 -15.47 27.38
CA TRP A 243 -14.10 -16.06 26.16
C TRP A 243 -13.04 -16.16 25.07
N ALA A 244 -12.21 -15.11 24.93
CA ALA A 244 -11.28 -15.05 23.80
C ALA A 244 -10.23 -16.16 23.87
N LEU A 245 -9.75 -16.46 25.08
CA LEU A 245 -8.74 -17.51 25.25
C LEU A 245 -9.19 -18.81 24.63
N ALA A 246 -10.46 -19.13 24.75
CA ALA A 246 -11.01 -20.38 24.24
C ALA A 246 -11.48 -20.28 22.81
N ASN A 247 -11.55 -19.08 22.23
CA ASN A 247 -12.12 -18.90 20.91
C ASN A 247 -11.14 -18.29 19.91
N GLN A 248 -9.83 -18.42 20.16
CA GLN A 248 -8.81 -17.95 19.22
C GLN A 248 -8.88 -16.43 19.01
N PHE A 249 -8.95 -15.69 20.11
CA PHE A 249 -8.83 -14.24 20.09
C PHE A 249 -7.75 -13.82 21.08
N THR A 250 -7.22 -12.62 20.87
CA THR A 250 -6.22 -12.02 21.75
C THR A 250 -6.90 -11.23 22.85
N GLU A 251 -6.16 -11.05 23.94
CA GLU A 251 -6.60 -10.16 25.01
C GLU A 251 -6.93 -8.79 24.43
N PHE A 252 -8.13 -8.28 24.74
CA PHE A 252 -8.43 -6.90 24.39
C PHE A 252 -7.81 -5.97 25.42
N VAL A 253 -7.08 -4.97 24.94
CA VAL A 253 -6.51 -3.94 25.80
C VAL A 253 -6.97 -2.60 25.24
N GLY A 254 -7.68 -1.84 26.06
CA GLY A 254 -8.14 -0.54 25.65
C GLY A 254 -7.00 0.43 25.46
N THR A 255 -7.30 1.53 24.78
CA THR A 255 -6.31 2.54 24.45
C THR A 255 -7.05 3.86 24.29
N GLN A 256 -6.32 4.97 24.34
CA GLN A 256 -6.94 6.25 24.05
C GLN A 256 -7.44 6.28 22.62
N SER A 257 -6.70 5.65 21.71
CA SER A 257 -7.12 5.61 20.31
C SER A 257 -8.51 4.99 20.18
N VAL A 258 -8.73 3.84 20.84
CA VAL A 258 -10.04 3.21 20.85
C VAL A 258 -11.08 4.12 21.50
N ASP A 259 -10.77 4.64 22.70
CA ASP A 259 -11.71 5.50 23.39
C ASP A 259 -12.18 6.63 22.49
N MET A 260 -11.26 7.19 21.69
CA MET A 260 -11.63 8.25 20.77
C MET A 260 -12.79 7.83 19.88
N LEU A 261 -12.77 6.58 19.42
CA LEU A 261 -13.78 6.11 18.48
C LEU A 261 -15.12 5.86 19.17
N ALA A 262 -15.10 5.34 20.41
CA ALA A 262 -16.34 5.20 21.15
C ALA A 262 -16.97 6.57 21.41
N VAL A 263 -16.14 7.61 21.54
CA VAL A 263 -16.66 8.95 21.75
C VAL A 263 -17.19 9.55 20.43
N LYS A 264 -16.52 9.27 19.31
CA LYS A 264 -17.04 9.75 18.02
C LYS A 264 -18.39 9.13 17.69
N THR A 265 -18.59 7.84 18.00
CA THR A 265 -19.78 7.12 17.59
C THR A 265 -20.84 7.07 18.66
N GLY A 266 -20.47 7.26 19.93
CA GLY A 266 -21.40 7.07 21.02
C GLY A 266 -21.71 5.63 21.31
N VAL A 267 -20.96 4.71 20.73
CA VAL A 267 -21.06 3.28 20.98
C VAL A 267 -19.90 2.87 21.87
N ALA A 268 -20.19 2.07 22.88
CA ALA A 268 -19.20 1.72 23.87
C ALA A 268 -18.46 0.45 23.51
N ILE A 269 -17.19 0.39 23.93
CA ILE A 269 -16.35 -0.77 23.67
C ILE A 269 -17.09 -2.06 24.02
N GLU A 270 -17.78 -2.06 25.17
CA GLU A 270 -18.37 -3.30 25.66
C GLU A 270 -19.55 -3.72 24.78
N GLN A 271 -20.25 -2.76 24.17
CA GLN A 271 -21.27 -3.10 23.17
C GLN A 271 -20.66 -3.90 22.02
N LEU A 272 -19.49 -3.47 21.54
CA LEU A 272 -18.85 -4.14 20.42
C LEU A 272 -18.17 -5.45 20.82
N LEU A 273 -17.65 -5.55 22.05
CA LEU A 273 -17.15 -6.84 22.52
C LEU A 273 -18.26 -7.87 22.51
N TYR A 274 -19.43 -7.50 23.04
CA TYR A 274 -20.60 -8.35 22.90
C TYR A 274 -20.82 -8.73 21.43
N ALA A 275 -20.76 -7.74 20.54
CA ALA A 275 -21.02 -7.97 19.13
C ALA A 275 -20.04 -8.97 18.53
N ILE A 276 -18.77 -8.91 18.93
CA ILE A 276 -17.78 -9.83 18.36
C ILE A 276 -18.19 -11.28 18.67
N GLN A 277 -18.66 -11.53 19.88
CA GLN A 277 -19.08 -12.88 20.25
C GLN A 277 -20.21 -13.39 19.36
N GLN A 278 -21.13 -12.51 18.93
CA GLN A 278 -22.21 -12.94 18.03
C GLN A 278 -21.70 -13.09 16.60
N LEU A 279 -20.99 -12.07 16.09
CA LEU A 279 -20.56 -12.04 14.70
C LEU A 279 -19.52 -13.12 14.40
N TYR A 280 -18.82 -13.61 15.41
CA TYR A 280 -17.85 -14.69 15.22
C TYR A 280 -18.52 -15.93 14.66
N THR A 281 -19.81 -16.11 14.95
CA THR A 281 -20.58 -17.23 14.43
C THR A 281 -21.05 -17.01 13.00
N GLY A 282 -20.78 -15.84 12.43
CA GLY A 282 -21.30 -15.42 11.15
C GLY A 282 -22.26 -14.26 11.28
N PHE A 283 -22.42 -13.53 10.18
CA PHE A 283 -23.29 -12.35 10.12
C PHE A 283 -24.73 -12.69 9.75
N GLN A 284 -25.03 -13.97 9.48
CA GLN A 284 -26.42 -14.41 9.29
C GLN A 284 -27.08 -13.70 8.11
N GLY A 285 -26.38 -13.65 6.98
CA GLY A 285 -26.94 -13.12 5.76
C GLY A 285 -26.69 -11.65 5.52
N LYS A 286 -26.15 -10.93 6.49
CA LYS A 286 -25.86 -9.51 6.35
C LYS A 286 -24.36 -9.29 6.11
N GLN A 287 -24.01 -8.04 5.81
CA GLN A 287 -22.65 -7.65 5.48
C GLN A 287 -22.20 -6.50 6.38
N ILE A 288 -20.88 -6.41 6.61
CA ILE A 288 -20.27 -5.27 7.29
C ILE A 288 -19.09 -4.83 6.44
N LEU A 289 -19.19 -3.64 5.85
CA LEU A 289 -18.13 -3.10 5.00
C LEU A 289 -17.69 -4.12 3.95
N GLY A 290 -18.67 -4.61 3.20
CA GLY A 290 -18.46 -5.53 2.09
C GLY A 290 -17.96 -6.91 2.43
N SER A 291 -18.00 -7.30 3.71
CA SER A 291 -17.35 -8.50 4.21
C SER A 291 -18.36 -9.34 4.95
N THR A 292 -18.13 -10.66 4.97
CA THR A 292 -18.94 -11.57 5.77
C THR A 292 -18.15 -12.18 6.91
N MET A 293 -16.88 -11.81 7.05
CA MET A 293 -16.04 -12.25 8.15
C MET A 293 -15.47 -11.01 8.86
N LEU A 294 -15.07 -11.21 10.10
CA LEU A 294 -14.47 -10.12 10.86
C LEU A 294 -13.10 -9.79 10.26
N GLU A 295 -12.76 -8.51 10.19
CA GLU A 295 -11.47 -8.06 9.70
C GLU A 295 -10.66 -7.51 10.87
N ASP A 296 -9.37 -7.91 10.95
CA ASP A 296 -8.52 -7.55 12.08
C ASP A 296 -7.16 -6.97 11.68
N GLU A 297 -7.03 -6.38 10.48
CA GLU A 297 -5.75 -5.78 10.09
C GLU A 297 -5.82 -4.27 9.90
N PHE A 298 -6.89 -3.62 10.35
CA PHE A 298 -6.94 -2.18 10.53
C PHE A 298 -6.97 -1.85 12.01
N THR A 299 -6.06 -0.94 12.42
CA THR A 299 -5.85 -0.54 13.81
C THR A 299 -6.76 0.60 14.19
N PRO A 300 -6.90 0.86 15.49
CA PRO A 300 -7.57 2.10 15.93
C PRO A 300 -6.99 3.34 15.30
N GLU A 301 -5.67 3.39 15.16
CA GLU A 301 -5.02 4.56 14.57
C GLU A 301 -5.39 4.70 13.10
N ASP A 302 -5.41 3.59 12.36
CA ASP A 302 -5.86 3.67 10.97
C ASP A 302 -7.24 4.32 10.87
N VAL A 303 -8.15 3.95 11.75
CA VAL A 303 -9.56 4.34 11.56
C VAL A 303 -9.74 5.81 11.92
N ASN A 304 -9.22 6.21 13.08
CA ASN A 304 -9.18 7.63 13.45
C ASN A 304 -8.61 8.49 12.32
N MET A 305 -7.48 8.07 11.75
CA MET A 305 -6.82 8.89 10.74
C MET A 305 -7.54 8.86 9.40
N GLN A 306 -8.13 7.73 9.01
CA GLN A 306 -8.72 7.62 7.68
C GLN A 306 -10.20 7.95 7.64
N ILE A 307 -10.89 7.97 8.79
CA ILE A 307 -12.28 8.41 8.82
C ILE A 307 -12.50 9.64 9.72
N HIS B 6 -2.05 -21.67 2.08
CA HIS B 6 -0.73 -21.06 1.72
C HIS B 6 -0.91 -19.59 1.39
N HIS B 7 -0.18 -18.71 2.08
CA HIS B 7 -0.17 -17.29 1.75
C HIS B 7 0.46 -17.10 0.38
N SER B 8 -0.31 -16.54 -0.56
CA SER B 8 0.20 -16.35 -1.91
C SER B 8 1.35 -15.35 -1.97
N GLY B 9 1.34 -14.35 -1.10
CA GLY B 9 2.21 -13.21 -1.29
C GLY B 9 1.66 -12.20 -2.27
N LEU B 10 0.36 -12.25 -2.56
CA LEU B 10 -0.26 -11.32 -3.50
C LEU B 10 -0.91 -10.20 -2.69
N VAL B 11 -0.23 -9.05 -2.62
CA VAL B 11 -0.69 -7.95 -1.78
C VAL B 11 -0.71 -6.64 -2.57
N LYS B 12 -1.41 -5.66 -2.01
CA LYS B 12 -1.43 -4.31 -2.56
C LYS B 12 -0.07 -3.68 -2.31
N MET B 13 0.65 -3.45 -3.39
CA MET B 13 2.00 -2.91 -3.36
C MET B 13 2.04 -1.59 -4.11
N SER B 14 2.65 -0.59 -3.51
CA SER B 14 2.86 0.71 -4.15
C SER B 14 4.30 0.82 -4.64
N HIS B 15 4.54 1.79 -5.53
CA HIS B 15 5.91 2.14 -5.85
C HIS B 15 6.55 2.97 -4.73
N PRO B 16 7.86 2.86 -4.53
CA PRO B 16 8.53 3.78 -3.61
C PRO B 16 8.25 5.21 -4.00
N SER B 17 7.86 6.00 -3.01
CA SER B 17 7.31 7.32 -3.21
C SER B 17 8.37 8.43 -3.11
N GLY B 18 9.64 8.11 -2.86
CA GLY B 18 10.63 9.16 -2.64
C GLY B 18 10.76 10.12 -3.82
N ASP B 19 10.79 9.58 -5.04
CA ASP B 19 10.88 10.41 -6.23
C ASP B 19 9.76 11.45 -6.30
N VAL B 20 8.54 11.06 -5.90
CA VAL B 20 7.42 11.99 -5.97
C VAL B 20 7.38 12.92 -4.75
N GLU B 21 7.80 12.44 -3.58
CA GLU B 21 7.83 13.27 -2.38
C GLU B 21 8.62 14.55 -2.61
N ALA B 22 9.73 14.45 -3.34
CA ALA B 22 10.60 15.61 -3.57
C ALA B 22 9.97 16.63 -4.50
N CYS B 23 8.82 16.32 -5.10
CA CYS B 23 8.20 17.24 -6.02
C CYS B 23 6.97 17.90 -5.44
N MET B 24 6.57 17.54 -4.22
CA MET B 24 5.33 18.04 -3.64
C MET B 24 5.55 19.40 -2.99
N VAL B 25 4.69 20.35 -3.34
CA VAL B 25 4.65 21.67 -2.75
C VAL B 25 3.22 22.01 -2.33
N GLN B 26 3.09 23.14 -1.64
CA GLN B 26 1.79 23.68 -1.26
C GLN B 26 1.52 24.93 -2.08
N VAL B 27 0.31 25.03 -2.59
CA VAL B 27 -0.12 26.17 -3.39
C VAL B 27 -1.27 26.85 -2.64
N THR B 28 -1.16 28.15 -2.44
CA THR B 28 -2.21 28.93 -1.79
C THR B 28 -2.67 30.05 -2.71
N CYS B 29 -4.00 30.20 -2.84
CA CYS B 29 -4.61 31.32 -3.54
C CYS B 29 -5.74 31.86 -2.67
N GLY B 30 -5.50 33.02 -2.06
CA GLY B 30 -6.46 33.58 -1.11
C GLY B 30 -6.62 32.73 0.14
N SER B 31 -7.85 32.28 0.38
CA SER B 31 -8.10 31.41 1.52
C SER B 31 -7.79 29.94 1.17
N MET B 32 -7.93 29.57 -0.09
CA MET B 32 -7.82 28.18 -0.49
C MET B 32 -6.36 27.75 -0.51
N THR B 33 -6.09 26.57 0.08
CA THR B 33 -4.77 25.95 0.04
C THR B 33 -4.91 24.48 -0.34
N LEU B 34 -3.99 23.99 -1.16
CA LEU B 34 -3.94 22.57 -1.47
C LEU B 34 -2.54 22.27 -2.02
N ASN B 35 -2.40 21.08 -2.62
CA ASN B 35 -1.10 20.55 -3.00
C ASN B 35 -0.81 20.81 -4.47
N GLY B 36 0.47 20.87 -4.78
CA GLY B 36 0.91 21.04 -6.15
C GLY B 36 2.08 20.12 -6.44
N LEU B 37 2.36 19.97 -7.73
CA LEU B 37 3.41 19.10 -8.23
C LEU B 37 4.42 19.94 -9.00
N TRP B 38 5.66 19.97 -8.51
CA TRP B 38 6.72 20.86 -8.97
C TRP B 38 7.69 20.04 -9.84
N LEU B 39 7.61 20.22 -11.15
CA LEU B 39 8.47 19.56 -12.12
C LEU B 39 9.20 20.65 -12.89
N ASP B 40 10.53 20.62 -12.88
CA ASP B 40 11.37 21.64 -13.55
C ASP B 40 10.80 23.00 -13.13
N ASN B 41 10.50 23.92 -14.06
CA ASN B 41 10.01 25.25 -13.72
C ASN B 41 8.49 25.35 -13.71
N THR B 42 7.78 24.25 -13.52
CA THR B 42 6.32 24.26 -13.55
C THR B 42 5.77 23.68 -12.25
N VAL B 43 4.70 24.28 -11.76
CA VAL B 43 3.93 23.75 -10.62
C VAL B 43 2.52 23.51 -11.11
N TRP B 44 2.08 22.24 -11.05
CA TRP B 44 0.71 21.86 -11.40
C TRP B 44 -0.17 21.76 -10.16
N CYS B 45 -1.41 22.26 -10.27
CA CYS B 45 -2.34 22.14 -9.16
C CYS B 45 -3.77 22.25 -9.70
N PRO B 46 -4.77 21.80 -8.94
CA PRO B 46 -6.13 21.94 -9.42
C PRO B 46 -6.53 23.40 -9.41
N ARG B 47 -7.26 23.78 -10.45
CA ARG B 47 -7.63 25.17 -10.64
C ARG B 47 -8.69 25.65 -9.67
N HIS B 48 -9.41 24.76 -8.95
CA HIS B 48 -10.39 25.33 -8.04
C HIS B 48 -9.75 25.97 -6.81
N VAL B 49 -8.43 25.89 -6.66
CA VAL B 49 -7.72 26.70 -5.68
C VAL B 49 -8.03 28.18 -5.89
N MET B 50 -8.40 28.56 -7.12
CA MET B 50 -8.74 29.94 -7.45
C MET B 50 -10.12 30.33 -6.94
N CYS B 51 -10.90 29.39 -6.53
CA CYS B 51 -12.29 29.67 -6.22
CA CYS B 51 -12.31 29.64 -6.21
C CYS B 51 -12.46 29.91 -4.74
N PRO B 52 -13.17 30.98 -4.35
CA PRO B 52 -13.52 31.15 -2.92
C PRO B 52 -14.72 30.27 -2.57
N ALA B 53 -14.66 29.68 -1.38
CA ALA B 53 -15.66 28.73 -0.88
C ALA B 53 -17.09 29.06 -1.27
N ASP B 54 -17.44 30.35 -1.25
CA ASP B 54 -18.82 30.76 -1.53
C ASP B 54 -19.18 30.52 -2.99
N GLN B 55 -18.24 30.73 -3.92
CA GLN B 55 -18.50 30.64 -5.35
C GLN B 55 -18.10 29.28 -5.95
N LEU B 56 -17.93 28.23 -5.13
CA LEU B 56 -17.43 26.94 -5.60
C LEU B 56 -18.49 26.11 -6.31
N SER B 57 -19.75 26.55 -6.34
CA SER B 57 -20.84 25.75 -6.85
C SER B 57 -21.16 26.01 -8.32
N ASP B 58 -20.83 27.19 -8.85
CA ASP B 58 -20.71 27.38 -10.29
C ASP B 58 -19.62 28.41 -10.55
N PRO B 59 -18.37 28.00 -10.45
CA PRO B 59 -17.28 28.95 -10.71
C PRO B 59 -17.19 29.28 -12.18
N ASN B 60 -16.85 30.54 -12.46
CA ASN B 60 -16.43 30.96 -13.79
C ASN B 60 -14.91 30.95 -13.73
N TYR B 61 -14.30 29.89 -14.27
CA TYR B 61 -12.86 29.72 -14.19
C TYR B 61 -12.14 30.64 -15.17
N ASP B 62 -12.70 30.85 -16.36
CA ASP B 62 -12.06 31.72 -17.34
C ASP B 62 -11.91 33.13 -16.80
N ALA B 63 -12.90 33.59 -16.03
CA ALA B 63 -12.86 34.93 -15.47
C ALA B 63 -11.99 34.98 -14.22
N LEU B 64 -11.99 33.91 -13.43
CA LEU B 64 -11.14 33.90 -12.24
C LEU B 64 -9.67 33.98 -12.63
N LEU B 65 -9.29 33.25 -13.66
CA LEU B 65 -7.90 33.25 -14.12
C LEU B 65 -7.49 34.66 -14.57
N ILE B 66 -8.33 35.31 -15.38
CA ILE B 66 -8.03 36.66 -15.86
CA ILE B 66 -7.96 36.64 -15.85
C ILE B 66 -7.82 37.61 -14.68
N SER B 67 -8.61 37.44 -13.62
CA SER B 67 -8.54 38.32 -12.46
C SER B 67 -7.32 38.08 -11.58
N MET B 68 -6.46 37.13 -11.91
CA MET B 68 -5.33 36.81 -11.07
C MET B 68 -4.09 37.52 -11.61
N THR B 69 -3.17 37.83 -10.70
CA THR B 69 -1.80 38.16 -11.07
C THR B 69 -0.90 37.03 -10.60
N ASN B 70 0.36 37.13 -11.02
CA ASN B 70 1.38 36.20 -10.55
C ASN B 70 1.50 36.22 -9.03
N HIS B 71 1.26 37.37 -8.39
CA HIS B 71 1.30 37.44 -6.94
C HIS B 71 0.11 36.80 -6.25
N SER B 72 -0.93 36.42 -7.01
CA SER B 72 -2.09 35.80 -6.39
C SER B 72 -1.81 34.37 -5.93
N PHE B 73 -0.65 33.83 -6.25
CA PHE B 73 -0.32 32.44 -5.91
C PHE B 73 0.92 32.40 -5.04
N SER B 74 0.76 31.87 -3.83
CA SER B 74 1.89 31.50 -2.99
C SER B 74 2.19 30.00 -3.17
N VAL B 75 3.46 29.67 -3.36
CA VAL B 75 3.93 28.30 -3.53
C VAL B 75 5.05 28.03 -2.54
N GLN B 76 4.84 27.07 -1.64
CA GLN B 76 5.79 26.78 -0.57
C GLN B 76 6.25 25.33 -0.64
N LYS B 77 7.55 25.13 -0.42
CA LYS B 77 8.16 23.80 -0.32
C LYS B 77 8.45 23.52 1.14
N HIS B 78 8.01 22.35 1.61
CA HIS B 78 8.26 21.90 2.98
C HIS B 78 9.12 20.63 2.96
N ILE B 79 8.54 19.48 2.59
CA ILE B 79 9.31 18.24 2.42
C ILE B 79 10.64 18.53 1.69
N ASN B 84 10.13 29.65 -0.05
CA ASN B 84 9.10 30.02 -1.02
C ASN B 84 9.63 29.97 -2.46
N LEU B 85 8.71 29.86 -3.39
CA LEU B 85 9.02 29.92 -4.81
C LEU B 85 8.36 31.15 -5.40
N ARG B 86 8.99 31.72 -6.41
CA ARG B 86 8.47 32.91 -7.07
C ARG B 86 7.73 32.46 -8.33
N VAL B 87 6.43 32.70 -8.33
CA VAL B 87 5.58 32.47 -9.49
C VAL B 87 5.79 33.58 -10.50
N VAL B 88 6.23 33.23 -11.71
CA VAL B 88 6.53 34.19 -12.76
C VAL B 88 5.67 33.98 -14.00
N GLY B 89 4.69 33.10 -13.92
CA GLY B 89 3.70 32.90 -14.96
C GLY B 89 2.55 32.07 -14.43
N HIS B 90 1.36 32.27 -14.98
CA HIS B 90 0.21 31.47 -14.63
C HIS B 90 -0.57 31.19 -15.91
N ALA B 91 -1.00 29.95 -16.05
CA ALA B 91 -1.81 29.55 -17.19
C ALA B 91 -2.76 28.46 -16.71
N MET B 92 -3.75 28.15 -17.55
CA MET B 92 -4.77 27.18 -17.22
C MET B 92 -4.87 26.14 -18.33
N GLN B 93 -4.90 24.86 -17.95
CA GLN B 93 -4.97 23.74 -18.89
C GLN B 93 -6.07 22.79 -18.42
N GLY B 94 -7.23 22.93 -19.03
CA GLY B 94 -8.39 22.12 -18.67
C GLY B 94 -8.80 22.42 -17.25
N THR B 95 -8.69 21.42 -16.37
CA THR B 95 -9.06 21.58 -14.97
C THR B 95 -7.85 21.82 -14.08
N LEU B 96 -6.68 22.07 -14.67
CA LEU B 96 -5.46 22.25 -13.91
C LEU B 96 -4.88 23.64 -14.18
N LEU B 97 -4.14 24.16 -13.19
CA LEU B 97 -3.29 25.33 -13.35
C LEU B 97 -1.87 24.90 -13.64
N LYS B 98 -1.25 25.57 -14.58
CA LYS B 98 0.14 25.38 -14.91
C LYS B 98 0.84 26.67 -14.48
N LEU B 99 1.47 26.65 -13.31
CA LEU B 99 2.21 27.78 -12.79
C LEU B 99 3.67 27.66 -13.20
N THR B 100 4.25 28.78 -13.61
CA THR B 100 5.69 28.83 -13.87
C THR B 100 6.37 29.50 -12.69
N VAL B 101 7.44 28.89 -12.21
CA VAL B 101 8.21 29.39 -11.09
C VAL B 101 9.65 29.61 -11.56
N ASP B 102 10.40 30.39 -10.79
CA ASP B 102 11.71 30.89 -11.21
C ASP B 102 12.86 29.99 -10.77
N VAL B 103 12.56 28.85 -10.18
CA VAL B 103 13.57 27.88 -9.77
C VAL B 103 13.15 26.54 -10.33
N ALA B 104 14.07 25.85 -10.99
CA ALA B 104 13.84 24.54 -11.55
C ALA B 104 14.02 23.50 -10.45
N ASN B 105 12.98 22.67 -10.23
CA ASN B 105 13.05 21.64 -9.18
C ASN B 105 14.30 20.81 -9.39
N PRO B 106 15.31 20.95 -8.51
CA PRO B 106 16.58 20.21 -8.68
C PRO B 106 16.45 18.69 -8.50
N SER B 107 15.29 18.18 -8.09
CA SER B 107 15.08 16.74 -7.97
C SER B 107 13.96 16.26 -8.88
N THR B 108 13.84 16.84 -10.05
CA THR B 108 12.82 16.39 -11.00
C THR B 108 13.16 15.00 -11.52
N PRO B 109 12.28 14.02 -11.37
CA PRO B 109 12.51 12.70 -12.00
C PRO B 109 12.25 12.76 -13.50
N ALA B 110 12.87 11.83 -14.23
CA ALA B 110 12.42 11.58 -15.58
C ALA B 110 10.95 11.22 -15.53
N TYR B 111 10.15 11.84 -16.39
CA TYR B 111 8.71 11.67 -16.31
C TYR B 111 8.03 11.81 -17.67
N THR B 112 6.79 11.34 -17.69
CA THR B 112 5.87 11.41 -18.81
C THR B 112 4.50 11.76 -18.22
N PHE B 113 3.61 12.23 -19.08
CA PHE B 113 2.20 12.43 -18.76
C PHE B 113 1.43 11.47 -19.65
N THR B 114 0.84 10.43 -19.08
CA THR B 114 0.07 9.48 -19.89
C THR B 114 -1.19 9.17 -19.13
N THR B 115 -2.33 9.42 -19.77
CA THR B 115 -3.60 9.01 -19.21
C THR B 115 -3.62 7.49 -19.06
N VAL B 116 -4.21 6.99 -17.97
CA VAL B 116 -4.40 5.56 -17.78
C VAL B 116 -5.83 5.21 -18.13
N LYS B 117 -6.03 3.96 -18.51
CA LYS B 117 -7.34 3.44 -18.85
C LYS B 117 -7.88 2.57 -17.72
N PRO B 118 -9.17 2.25 -17.77
CA PRO B 118 -9.76 1.37 -16.75
C PRO B 118 -9.06 0.02 -16.62
N GLY B 119 -8.95 -0.43 -15.38
CA GLY B 119 -8.27 -1.66 -15.04
C GLY B 119 -6.82 -1.48 -14.67
N ALA B 120 -6.22 -0.35 -15.03
CA ALA B 120 -4.82 -0.11 -14.71
C ALA B 120 -4.71 0.33 -13.26
N ALA B 121 -3.64 -0.09 -12.63
CA ALA B 121 -3.33 0.25 -11.25
C ALA B 121 -2.32 1.38 -11.23
N PHE B 122 -2.38 2.21 -10.19
CA PHE B 122 -1.32 3.19 -9.98
C PHE B 122 -1.22 3.52 -8.50
N SER B 123 -0.06 4.05 -8.14
CA SER B 123 0.19 4.46 -6.77
C SER B 123 -0.29 5.89 -6.59
N VAL B 124 -0.75 6.17 -5.37
CA VAL B 124 -1.16 7.51 -4.96
C VAL B 124 -0.33 7.92 -3.76
N LEU B 125 0.19 9.15 -3.79
CA LEU B 125 0.85 9.79 -2.65
C LEU B 125 -0.13 10.82 -2.11
N ALA B 126 -0.76 10.50 -0.98
CA ALA B 126 -1.70 11.41 -0.35
C ALA B 126 -0.96 12.50 0.45
N CYS B 127 -1.34 13.76 0.22
CA CYS B 127 -0.64 14.89 0.80
C CYS B 127 -1.61 15.92 1.37
N TYR B 128 -1.18 16.58 2.45
CA TYR B 128 -1.95 17.61 3.11
C TYR B 128 -1.02 18.79 3.38
N ASN B 129 -1.39 19.97 2.90
CA ASN B 129 -0.55 21.15 2.98
C ASN B 129 0.85 20.88 2.46
N GLY B 130 0.93 20.18 1.33
CA GLY B 130 2.21 19.94 0.71
C GLY B 130 3.10 18.94 1.43
N ARG B 131 2.62 18.30 2.52
CA ARG B 131 3.37 17.28 3.26
C ARG B 131 2.86 15.88 2.93
N PRO B 132 3.65 15.01 2.29
CA PRO B 132 3.20 13.62 2.11
C PRO B 132 2.86 12.95 3.43
N THR B 133 1.68 12.33 3.49
CA THR B 133 1.25 11.60 4.69
C THR B 133 1.11 10.11 4.47
N GLY B 134 0.72 9.65 3.27
CA GLY B 134 0.56 8.23 3.03
C GLY B 134 0.52 7.87 1.56
N THR B 135 0.74 6.59 1.29
CA THR B 135 0.69 6.06 -0.06
C THR B 135 -0.09 4.75 -0.10
N PHE B 136 -0.86 4.58 -1.18
CA PHE B 136 -1.65 3.38 -1.39
C PHE B 136 -1.79 3.21 -2.89
N THR B 137 -2.29 2.05 -3.29
CA THR B 137 -2.54 1.74 -4.70
CA THR B 137 -2.55 1.75 -4.69
C THR B 137 -4.04 1.63 -4.93
N VAL B 138 -4.43 2.01 -6.14
CA VAL B 138 -5.82 2.04 -6.55
C VAL B 138 -5.86 1.57 -7.99
N VAL B 139 -7.07 1.28 -8.44
CA VAL B 139 -7.34 0.81 -9.80
C VAL B 139 -8.34 1.76 -10.39
N MET B 140 -8.02 2.31 -11.56
CA MET B 140 -9.00 3.13 -12.27
C MET B 140 -10.18 2.24 -12.68
N ARG B 141 -11.37 2.51 -12.15
CA ARG B 141 -12.52 1.69 -12.47
C ARG B 141 -13.07 2.03 -13.85
N PRO B 142 -13.86 1.10 -14.43
CA PRO B 142 -14.51 1.39 -15.74
C PRO B 142 -15.50 2.54 -15.70
N ASN B 143 -15.94 2.96 -14.52
CA ASN B 143 -16.74 4.17 -14.37
C ASN B 143 -15.88 5.37 -13.98
N TYR B 144 -14.56 5.25 -14.16
CA TYR B 144 -13.60 6.35 -14.05
C TYR B 144 -13.54 6.94 -12.66
N THR B 145 -13.64 6.07 -11.65
CA THR B 145 -13.45 6.42 -10.26
C THR B 145 -12.37 5.57 -9.64
N ILE B 146 -11.91 6.00 -8.45
CA ILE B 146 -10.99 5.22 -7.65
C ILE B 146 -11.48 5.25 -6.22
N LYS B 147 -11.01 4.28 -5.43
CA LYS B 147 -11.32 4.22 -4.02
C LYS B 147 -10.26 4.98 -3.22
N GLY B 148 -9.39 4.28 -2.47
CA GLY B 148 -8.41 4.99 -1.67
C GLY B 148 -8.98 5.84 -0.54
N SER B 149 -8.08 6.61 0.10
CA SER B 149 -8.41 7.46 1.25
C SER B 149 -8.02 8.90 0.96
N PHE B 150 -9.01 9.80 0.95
CA PHE B 150 -8.80 11.23 0.68
C PHE B 150 -9.69 12.05 1.60
N LEU B 151 -9.09 12.97 2.35
CA LEU B 151 -9.82 13.84 3.27
C LEU B 151 -9.74 15.28 2.78
N CYS B 152 -10.36 16.18 3.53
CA CYS B 152 -10.26 17.59 3.22
C CYS B 152 -8.78 17.95 3.14
N GLY B 153 -8.43 18.71 2.10
CA GLY B 153 -7.08 19.15 1.89
C GLY B 153 -6.21 18.24 1.04
N SER B 154 -6.75 17.11 0.55
CA SER B 154 -5.92 16.17 -0.22
C SER B 154 -5.82 16.53 -1.69
N CYS B 155 -6.64 17.45 -2.20
CA CYS B 155 -6.58 17.80 -3.62
C CYS B 155 -5.17 18.21 -4.04
N GLY B 156 -4.81 17.84 -5.27
CA GLY B 156 -3.44 17.96 -5.73
C GLY B 156 -2.58 16.76 -5.41
N SER B 157 -3.02 15.86 -4.53
CA SER B 157 -2.34 14.58 -4.38
C SER B 157 -2.25 13.91 -5.74
N VAL B 158 -1.13 13.24 -6.01
CA VAL B 158 -0.88 12.74 -7.35
C VAL B 158 -0.75 11.23 -7.36
N GLY B 159 -1.14 10.65 -8.48
CA GLY B 159 -1.00 9.24 -8.72
C GLY B 159 -0.07 9.01 -9.88
N TYR B 160 0.65 7.90 -9.85
CA TYR B 160 1.81 7.69 -10.71
C TYR B 160 2.11 6.19 -10.84
N THR B 161 2.79 5.84 -11.92
CA THR B 161 3.50 4.56 -12.05
C THR B 161 4.95 4.85 -12.39
N LYS B 162 5.77 3.81 -12.33
CA LYS B 162 7.17 3.90 -12.72
C LYS B 162 7.53 2.69 -13.55
N GLU B 163 8.03 2.94 -14.76
CA GLU B 163 8.58 1.94 -15.68
C GLU B 163 10.00 2.38 -15.99
N GLY B 164 10.96 1.75 -15.34
CA GLY B 164 12.35 2.06 -15.56
C GLY B 164 12.77 3.18 -14.65
N SER B 165 13.50 4.15 -15.21
CA SER B 165 13.72 5.42 -14.55
C SER B 165 12.57 6.40 -14.74
N VAL B 166 11.63 6.10 -15.62
CA VAL B 166 10.61 7.07 -16.00
C VAL B 166 9.37 6.89 -15.13
N ILE B 167 9.05 7.93 -14.35
CA ILE B 167 7.76 8.05 -13.69
C ILE B 167 6.70 8.49 -14.70
N ASN B 168 5.55 7.85 -14.65
CA ASN B 168 4.41 8.31 -15.41
C ASN B 168 3.39 8.91 -14.43
N PHE B 169 3.23 10.23 -14.49
CA PHE B 169 2.20 10.92 -13.73
C PHE B 169 0.87 10.80 -14.45
N CYS B 170 -0.13 10.26 -13.76
CA CYS B 170 -1.39 9.97 -14.43
C CYS B 170 -2.62 10.47 -13.70
N TYR B 171 -2.48 11.03 -12.49
CA TYR B 171 -3.65 11.42 -11.70
C TYR B 171 -3.33 12.61 -10.81
N MET B 172 -4.25 13.56 -10.72
CA MET B 172 -4.15 14.61 -9.71
C MET B 172 -5.53 14.82 -9.09
N HIS B 173 -5.59 14.63 -7.78
CA HIS B 173 -6.84 14.43 -7.10
C HIS B 173 -7.68 15.71 -7.03
N GLN B 174 -9.01 15.58 -7.30
CA GLN B 174 -9.93 16.71 -7.36
C GLN B 174 -11.14 16.59 -6.44
N MET B 175 -11.76 15.41 -6.30
CA MET B 175 -13.08 15.37 -5.67
C MET B 175 -13.44 14.00 -5.15
N GLU B 176 -14.45 14.02 -4.28
CA GLU B 176 -15.11 12.84 -3.76
C GLU B 176 -16.56 12.84 -4.24
N LEU B 177 -17.09 11.67 -4.54
CA LEU B 177 -18.47 11.54 -4.94
C LEU B 177 -19.33 11.01 -3.79
N ALA B 178 -20.65 11.02 -4.01
CA ALA B 178 -21.60 10.70 -2.94
C ALA B 178 -21.38 9.29 -2.39
N ASN B 179 -21.11 8.32 -3.26
CA ASN B 179 -20.85 6.95 -2.81
C ASN B 179 -19.46 6.77 -2.21
N GLY B 180 -18.70 7.84 -1.99
CA GLY B 180 -17.44 7.78 -1.28
C GLY B 180 -16.23 7.57 -2.15
N THR B 181 -16.41 7.26 -3.43
CA THR B 181 -15.29 7.09 -4.33
C THR B 181 -14.75 8.46 -4.75
N HIS B 182 -13.75 8.47 -5.60
CA HIS B 182 -13.02 9.69 -5.89
C HIS B 182 -12.65 9.76 -7.37
N THR B 183 -12.37 10.99 -7.81
CA THR B 183 -11.84 11.18 -9.16
C THR B 183 -11.00 12.46 -9.23
N GLY B 184 -10.31 12.59 -10.35
CA GLY B 184 -9.34 13.65 -10.55
C GLY B 184 -8.96 13.79 -12.00
N SER B 185 -7.89 14.54 -12.25
CA SER B 185 -7.48 14.88 -13.59
C SER B 185 -6.29 14.05 -14.03
N ALA B 186 -6.20 13.84 -15.34
CA ALA B 186 -4.92 13.54 -15.95
C ALA B 186 -4.18 14.85 -16.18
N PHE B 187 -2.89 14.74 -16.49
CA PHE B 187 -2.07 15.93 -16.57
C PHE B 187 -2.17 16.62 -17.91
N ASP B 188 -2.97 16.09 -18.84
CA ASP B 188 -3.38 16.86 -20.00
C ASP B 188 -4.56 17.77 -19.67
N GLY B 189 -5.06 17.71 -18.43
CA GLY B 189 -6.08 18.59 -17.91
C GLY B 189 -7.48 18.01 -17.88
N THR B 190 -7.73 16.91 -18.59
CA THR B 190 -9.05 16.33 -18.61
C THR B 190 -9.37 15.71 -17.25
N MET B 191 -10.63 15.78 -16.86
CA MET B 191 -11.09 15.05 -15.71
C MET B 191 -11.41 13.62 -16.13
N TYR B 192 -11.05 12.67 -15.29
CA TYR B 192 -11.41 11.29 -15.56
C TYR B 192 -12.93 11.15 -15.41
N GLY B 193 -13.57 10.50 -16.38
CA GLY B 193 -15.00 10.36 -16.34
C GLY B 193 -15.76 11.59 -16.78
N ALA B 194 -15.07 12.66 -17.18
CA ALA B 194 -15.68 13.92 -17.58
C ALA B 194 -16.49 14.57 -16.46
N PHE B 195 -16.18 14.28 -15.20
CA PHE B 195 -16.80 15.03 -14.14
C PHE B 195 -16.37 16.49 -14.19
N MET B 196 -17.22 17.36 -13.67
CA MET B 196 -16.90 18.77 -13.62
C MET B 196 -16.37 19.14 -12.24
N ASP B 197 -15.36 20.02 -12.22
CA ASP B 197 -14.79 20.53 -10.97
C ASP B 197 -15.65 21.68 -10.44
N LYS B 198 -16.89 21.34 -10.14
CA LYS B 198 -17.87 22.19 -9.50
C LYS B 198 -18.40 21.44 -8.28
N GLN B 199 -18.76 22.17 -7.24
CA GLN B 199 -19.29 21.55 -6.03
C GLN B 199 -20.78 21.30 -6.26
N VAL B 200 -21.09 20.19 -6.94
CA VAL B 200 -22.47 19.78 -7.20
C VAL B 200 -22.51 18.27 -7.20
N HIS B 201 -23.64 17.71 -6.75
CA HIS B 201 -23.86 16.29 -6.86
C HIS B 201 -23.67 15.83 -8.29
N GLN B 202 -22.76 14.89 -8.51
CA GLN B 202 -22.65 14.19 -9.78
C GLN B 202 -22.66 12.70 -9.51
N VAL B 203 -23.53 11.98 -10.22
CA VAL B 203 -23.68 10.54 -10.04
C VAL B 203 -22.77 9.83 -11.03
N GLN B 204 -21.96 8.91 -10.52
CA GLN B 204 -21.10 8.11 -11.37
C GLN B 204 -21.93 7.06 -12.14
N LEU B 205 -21.38 6.62 -13.28
CA LEU B 205 -21.98 5.54 -14.04
C LEU B 205 -21.82 4.19 -13.31
N THR B 206 -22.57 3.21 -13.82
CA THR B 206 -22.50 1.86 -13.26
C THR B 206 -21.11 1.27 -13.46
N ASP B 207 -20.62 0.59 -12.42
CA ASP B 207 -19.31 -0.01 -12.51
C ASP B 207 -19.36 -1.34 -13.27
N LYS B 208 -18.19 -1.98 -13.41
CA LYS B 208 -18.04 -3.26 -14.09
C LYS B 208 -16.83 -4.00 -13.55
N TYR B 209 -16.83 -5.33 -13.73
CA TYR B 209 -15.66 -6.14 -13.42
C TYR B 209 -14.61 -5.97 -14.50
N CYS B 210 -13.34 -5.83 -14.10
CA CYS B 210 -12.22 -5.72 -15.05
C CYS B 210 -11.78 -7.12 -15.42
N SER B 211 -12.21 -7.59 -16.59
CA SER B 211 -12.06 -8.98 -16.98
C SER B 211 -10.59 -9.41 -17.02
N VAL B 212 -9.72 -8.56 -17.57
CA VAL B 212 -8.30 -8.92 -17.62
C VAL B 212 -7.71 -9.07 -16.23
N ASN B 213 -8.19 -8.30 -15.26
CA ASN B 213 -7.61 -8.48 -13.94
C ASN B 213 -8.13 -9.75 -13.26
N VAL B 214 -9.40 -10.08 -13.48
CA VAL B 214 -9.92 -11.33 -12.94
C VAL B 214 -9.14 -12.51 -13.49
N VAL B 215 -8.81 -12.45 -14.79
CA VAL B 215 -7.98 -13.50 -15.37
C VAL B 215 -6.65 -13.58 -14.65
N ALA B 216 -6.00 -12.43 -14.42
CA ALA B 216 -4.71 -12.44 -13.72
C ALA B 216 -4.84 -13.10 -12.35
N TRP B 217 -5.89 -12.73 -11.62
CA TRP B 217 -6.12 -13.27 -10.28
C TRP B 217 -6.32 -14.78 -10.31
N LEU B 218 -7.05 -15.29 -11.30
CA LEU B 218 -7.20 -16.74 -11.38
C LEU B 218 -5.88 -17.41 -11.75
N TYR B 219 -5.05 -16.75 -12.56
CA TYR B 219 -3.72 -17.29 -12.81
C TYR B 219 -2.90 -17.32 -11.54
N ALA B 220 -2.98 -16.25 -10.74
CA ALA B 220 -2.32 -16.23 -9.45
C ALA B 220 -2.74 -17.41 -8.59
N ALA B 221 -4.06 -17.66 -8.52
CA ALA B 221 -4.56 -18.81 -7.79
C ALA B 221 -3.91 -20.10 -8.30
N ILE B 222 -3.90 -20.30 -9.62
CA ILE B 222 -3.26 -21.49 -10.19
C ILE B 222 -1.80 -21.58 -9.73
N LEU B 223 -1.05 -20.48 -9.88
CA LEU B 223 0.35 -20.50 -9.45
C LEU B 223 0.49 -20.81 -7.96
N ASN B 224 -0.52 -20.50 -7.16
CA ASN B 224 -0.46 -20.77 -5.73
C ASN B 224 -0.97 -22.16 -5.36
N GLY B 225 -1.29 -23.02 -6.33
CA GLY B 225 -1.75 -24.37 -6.04
C GLY B 225 -3.25 -24.58 -6.04
N CYS B 226 -4.03 -23.54 -6.27
CA CYS B 226 -5.49 -23.58 -6.16
C CYS B 226 -6.08 -23.53 -7.57
N ALA B 227 -6.42 -24.72 -8.13
CA ALA B 227 -6.88 -24.79 -9.51
C ALA B 227 -8.10 -25.70 -9.68
N TRP B 228 -8.86 -25.95 -8.61
CA TRP B 228 -10.06 -26.78 -8.74
C TRP B 228 -11.00 -26.26 -9.81
N PHE B 229 -11.00 -24.95 -10.08
CA PHE B 229 -11.96 -24.34 -10.99
C PHE B 229 -11.55 -24.47 -12.46
N VAL B 230 -10.37 -25.01 -12.76
CA VAL B 230 -9.96 -25.20 -14.16
C VAL B 230 -10.60 -26.47 -14.71
N LYS B 231 -11.37 -26.32 -15.78
CA LYS B 231 -11.88 -27.43 -16.58
C LYS B 231 -11.31 -27.35 -18.00
N PRO B 232 -11.46 -28.41 -18.80
CA PRO B 232 -11.02 -28.34 -20.21
C PRO B 232 -11.79 -27.32 -21.00
N ASN B 233 -12.99 -26.99 -20.56
CA ASN B 233 -13.92 -26.18 -21.32
C ASN B 233 -13.35 -24.78 -21.54
N ARG B 234 -13.74 -24.18 -22.66
CA ARG B 234 -13.19 -22.92 -23.10
C ARG B 234 -14.28 -22.04 -23.67
N THR B 235 -14.06 -20.74 -23.58
CA THR B 235 -14.89 -19.72 -24.20
C THR B 235 -13.98 -18.75 -24.90
N SER B 236 -14.26 -18.50 -26.17
CA SER B 236 -13.36 -17.69 -26.97
C SER B 236 -13.45 -16.24 -26.51
N VAL B 237 -12.42 -15.46 -26.89
CA VAL B 237 -12.38 -14.06 -26.49
C VAL B 237 -13.61 -13.32 -27.01
N VAL B 238 -13.89 -13.45 -28.31
CA VAL B 238 -15.05 -12.73 -28.88
C VAL B 238 -16.35 -13.19 -28.24
N SER B 239 -16.48 -14.50 -28.01
CA SER B 239 -17.69 -14.97 -27.33
C SER B 239 -17.75 -14.45 -25.88
N PHE B 240 -16.62 -14.42 -25.17
CA PHE B 240 -16.64 -13.89 -23.82
C PHE B 240 -17.02 -12.42 -23.83
N ASN B 241 -16.52 -11.66 -24.82
CA ASN B 241 -16.78 -10.22 -24.82
C ASN B 241 -18.22 -9.89 -25.20
N GLU B 242 -18.83 -10.66 -26.11
CA GLU B 242 -20.25 -10.51 -26.34
C GLU B 242 -21.05 -10.81 -25.07
N TRP B 243 -20.64 -11.83 -24.33
CA TRP B 243 -21.27 -12.11 -23.04
C TRP B 243 -20.92 -11.05 -22.00
N ALA B 244 -19.77 -10.38 -22.17
CA ALA B 244 -19.32 -9.40 -21.19
C ALA B 244 -20.21 -8.17 -21.21
N LEU B 245 -20.52 -7.65 -22.40
CA LEU B 245 -21.37 -6.47 -22.53
C LEU B 245 -22.67 -6.58 -21.76
N ALA B 246 -23.18 -7.79 -21.58
CA ALA B 246 -24.51 -7.99 -21.02
C ALA B 246 -24.48 -8.56 -19.61
N ASN B 247 -23.30 -8.63 -18.96
CA ASN B 247 -23.24 -9.11 -17.59
C ASN B 247 -22.25 -8.32 -16.73
N GLN B 248 -21.91 -7.09 -17.14
CA GLN B 248 -21.19 -6.15 -16.30
C GLN B 248 -19.71 -6.48 -16.21
N PHE B 249 -19.11 -6.83 -17.34
CA PHE B 249 -17.68 -7.11 -17.46
C PHE B 249 -17.10 -6.29 -18.60
N THR B 250 -15.87 -5.84 -18.41
CA THR B 250 -15.18 -5.20 -19.52
C THR B 250 -14.87 -6.22 -20.61
N GLU B 251 -14.74 -5.69 -21.82
CA GLU B 251 -14.07 -6.40 -22.90
C GLU B 251 -12.72 -6.93 -22.42
N PHE B 252 -12.37 -8.13 -22.85
CA PHE B 252 -11.08 -8.70 -22.52
C PHE B 252 -10.12 -8.39 -23.65
N VAL B 253 -8.99 -7.80 -23.33
CA VAL B 253 -7.93 -7.55 -24.30
C VAL B 253 -6.65 -8.15 -23.72
N GLY B 254 -6.08 -9.12 -24.44
CA GLY B 254 -4.88 -9.78 -23.99
C GLY B 254 -3.64 -8.92 -24.14
N THR B 255 -2.62 -9.26 -23.36
CA THR B 255 -1.35 -8.54 -23.34
C THR B 255 -0.25 -9.58 -23.26
N GLN B 256 0.98 -9.14 -23.55
CA GLN B 256 2.12 -10.04 -23.36
C GLN B 256 2.22 -10.47 -21.91
N SER B 257 1.67 -9.66 -20.99
CA SER B 257 1.79 -9.98 -19.57
C SER B 257 0.86 -11.14 -19.20
N VAL B 258 -0.40 -11.08 -19.64
CA VAL B 258 -1.30 -12.23 -19.55
C VAL B 258 -0.65 -13.47 -20.19
N ASP B 259 -0.03 -13.30 -21.36
CA ASP B 259 0.49 -14.44 -22.09
C ASP B 259 1.60 -15.15 -21.33
N MET B 260 2.44 -14.40 -20.61
CA MET B 260 3.46 -15.02 -19.77
CA MET B 260 3.46 -15.04 -19.80
C MET B 260 2.82 -15.98 -18.76
N LEU B 261 1.68 -15.59 -18.19
CA LEU B 261 1.02 -16.40 -17.16
C LEU B 261 0.43 -17.66 -17.77
N ALA B 262 -0.18 -17.54 -18.94
CA ALA B 262 -0.66 -18.72 -19.65
C ALA B 262 0.48 -19.70 -19.88
N VAL B 263 1.67 -19.20 -20.27
CA VAL B 263 2.79 -20.09 -20.58
C VAL B 263 3.27 -20.78 -19.30
N LYS B 264 3.51 -20.00 -18.25
CA LYS B 264 3.97 -20.56 -17.00
C LYS B 264 3.02 -21.66 -16.51
N THR B 265 1.71 -21.35 -16.40
CA THR B 265 0.76 -22.32 -15.84
C THR B 265 0.38 -23.42 -16.81
N GLY B 266 0.43 -23.15 -18.12
CA GLY B 266 -0.11 -24.05 -19.11
C GLY B 266 -1.61 -24.04 -19.22
N VAL B 267 -2.30 -23.20 -18.45
CA VAL B 267 -3.74 -23.02 -18.57
C VAL B 267 -4.00 -21.84 -19.49
N ALA B 268 -4.87 -22.04 -20.47
CA ALA B 268 -5.08 -21.01 -21.47
C ALA B 268 -6.12 -20.00 -21.02
N ILE B 269 -5.99 -18.80 -21.58
CA ILE B 269 -6.90 -17.70 -21.29
C ILE B 269 -8.34 -18.16 -21.46
N GLU B 270 -8.63 -18.76 -22.61
CA GLU B 270 -9.98 -19.19 -22.92
C GLU B 270 -10.57 -20.14 -21.88
N GLN B 271 -9.72 -20.91 -21.18
CA GLN B 271 -10.25 -21.73 -20.10
C GLN B 271 -10.66 -20.89 -18.89
N LEU B 272 -9.95 -19.79 -18.65
CA LEU B 272 -10.30 -18.94 -17.51
C LEU B 272 -11.50 -18.04 -17.83
N LEU B 273 -11.67 -17.68 -19.10
CA LEU B 273 -12.88 -16.97 -19.48
C LEU B 273 -14.12 -17.85 -19.32
N TYR B 274 -14.03 -19.13 -19.68
CA TYR B 274 -15.12 -20.06 -19.37
C TYR B 274 -15.33 -20.12 -17.86
N ALA B 275 -14.23 -20.29 -17.11
CA ALA B 275 -14.33 -20.35 -15.65
C ALA B 275 -15.03 -19.11 -15.08
N ILE B 276 -14.75 -17.93 -15.63
CA ILE B 276 -15.35 -16.70 -15.11
C ILE B 276 -16.86 -16.73 -15.28
N GLN B 277 -17.33 -17.19 -16.45
CA GLN B 277 -18.77 -17.34 -16.68
C GLN B 277 -19.42 -18.25 -15.66
N GLN B 278 -18.69 -19.23 -15.13
CA GLN B 278 -19.24 -20.14 -14.12
C GLN B 278 -19.08 -19.62 -12.70
N LEU B 279 -18.14 -18.72 -12.45
CA LEU B 279 -17.78 -18.37 -11.09
C LEU B 279 -18.41 -17.08 -10.59
N TYR B 280 -18.81 -16.17 -11.50
CA TYR B 280 -19.21 -14.83 -11.07
C TYR B 280 -20.50 -14.85 -10.24
N THR B 281 -21.25 -15.96 -10.29
CA THR B 281 -22.44 -16.20 -9.47
C THR B 281 -22.12 -16.59 -8.02
N GLY B 282 -20.86 -16.90 -7.70
CA GLY B 282 -20.51 -17.49 -6.43
C GLY B 282 -19.71 -18.77 -6.60
N PHE B 283 -19.03 -19.22 -5.53
CA PHE B 283 -18.14 -20.38 -5.60
C PHE B 283 -18.74 -21.64 -4.96
N GLN B 284 -20.06 -21.69 -4.77
CA GLN B 284 -20.77 -22.86 -4.24
C GLN B 284 -19.98 -23.55 -3.12
N GLY B 285 -19.52 -22.75 -2.15
CA GLY B 285 -18.93 -23.29 -0.93
C GLY B 285 -17.41 -23.31 -0.89
N LYS B 286 -16.73 -23.08 -2.01
CA LYS B 286 -15.27 -23.11 -2.07
C LYS B 286 -14.69 -21.69 -2.07
N GLN B 287 -13.38 -21.63 -1.83
CA GLN B 287 -12.64 -20.38 -1.82
C GLN B 287 -11.60 -20.39 -2.92
N ILE B 288 -11.24 -19.19 -3.36
CA ILE B 288 -10.09 -18.95 -4.22
C ILE B 288 -9.26 -17.85 -3.57
N LEU B 289 -7.99 -18.15 -3.28
CA LEU B 289 -7.06 -17.20 -2.68
C LEU B 289 -7.74 -16.47 -1.51
N GLY B 290 -8.36 -17.26 -0.63
CA GLY B 290 -9.04 -16.74 0.55
C GLY B 290 -10.32 -15.97 0.30
N SER B 291 -10.81 -15.88 -0.93
CA SER B 291 -11.97 -15.07 -1.22
C SER B 291 -13.13 -15.95 -1.72
N THR B 292 -14.33 -15.41 -1.58
CA THR B 292 -15.54 -16.08 -2.03
C THR B 292 -16.26 -15.30 -3.13
N MET B 293 -15.69 -14.18 -3.56
CA MET B 293 -16.08 -13.47 -4.75
C MET B 293 -14.86 -13.31 -5.67
N LEU B 294 -15.13 -12.96 -6.91
CA LEU B 294 -14.04 -12.70 -7.84
C LEU B 294 -13.35 -11.38 -7.51
N GLU B 295 -12.02 -11.40 -7.56
CA GLU B 295 -11.18 -10.24 -7.28
C GLU B 295 -10.69 -9.67 -8.61
N ASP B 296 -10.83 -8.36 -8.78
CA ASP B 296 -10.42 -7.71 -10.02
C ASP B 296 -9.53 -6.49 -9.83
N GLU B 297 -8.85 -6.34 -8.68
CA GLU B 297 -7.95 -5.20 -8.49
C GLU B 297 -6.48 -5.60 -8.50
N PHE B 298 -6.15 -6.80 -8.93
CA PHE B 298 -4.78 -7.17 -9.25
C PHE B 298 -4.61 -7.32 -10.76
N THR B 299 -3.50 -6.84 -11.26
CA THR B 299 -3.28 -6.80 -12.69
C THR B 299 -2.40 -7.94 -13.12
N PRO B 300 -2.38 -8.26 -14.41
CA PRO B 300 -1.39 -9.23 -14.89
C PRO B 300 0.01 -8.89 -14.45
N GLU B 301 0.37 -7.60 -14.46
CA GLU B 301 1.73 -7.21 -14.12
C GLU B 301 2.02 -7.44 -12.63
N ASP B 302 1.05 -7.12 -11.77
CA ASP B 302 1.13 -7.45 -10.36
C ASP B 302 1.45 -8.93 -10.16
N VAL B 303 0.76 -9.79 -10.92
CA VAL B 303 0.90 -11.23 -10.69
C VAL B 303 2.25 -11.70 -11.18
N ASN B 304 2.70 -11.20 -12.32
CA ASN B 304 4.03 -11.59 -12.81
C ASN B 304 5.11 -11.14 -11.84
N MET B 305 4.94 -9.97 -11.22
CA MET B 305 5.98 -9.44 -10.33
C MET B 305 5.97 -10.16 -8.98
N GLN B 306 4.80 -10.42 -8.41
CA GLN B 306 4.74 -10.88 -7.01
C GLN B 306 4.76 -12.40 -6.84
N ILE B 307 4.53 -13.19 -7.90
CA ILE B 307 4.42 -14.65 -7.77
C ILE B 307 5.43 -15.41 -8.61
C02 QZG C . 14.41 -19.38 3.76
C04 QZG C . 16.21 -17.95 4.17
C05 QZG C . 17.64 -18.03 4.72
C06 QZG C . 17.90 -18.90 5.98
C07 QZG C . 19.29 -18.91 6.42
C08 QZG C . 17.05 -18.60 7.09
C09 QZG C . 16.12 -17.07 2.90
C11 QZG C . 15.54 -14.98 1.80
C12 QZG C . 13.98 -14.63 1.49
C13 QZG C . 13.16 -15.75 1.31
C14 QZG C . 11.83 -15.33 1.16
C16 QZG C . 12.15 -16.64 -0.51
C17 QZG C . 13.43 -16.35 0.07
C19 QZG C . 16.61 -13.84 1.96
C23 QZG C . 12.80 -20.93 3.31
C24 QZG C . 12.35 -20.89 1.88
C25 QZG C . 11.05 -21.37 1.56
C26 QZG C . 10.74 -22.76 2.12
C27 QZG C . 9.31 -23.26 1.85
C28 QZG C . 8.97 -23.33 0.43
C29 QZG C . 8.99 -24.57 2.47
C30 QZG C . 11.15 -22.80 3.57
C31 QZG C . 12.51 -22.25 3.83
N03 QZG C . 15.72 -19.18 3.87
N10 QZG C . 15.66 -15.81 2.97
N15 QZG C . 11.31 -15.89 0.15
O01 QZG C . 13.64 -18.54 3.93
O18 QZG C . 11.20 -14.72 1.86
O20 QZG C . 16.47 -13.06 0.78
O21 QZG C . 16.38 -17.50 1.89
O22 QZG C . 14.05 -20.61 3.46
C02 QZG D . -15.98 17.59 -3.32
C04 QZG D . -14.35 19.05 -4.29
C05 QZG D . -14.25 20.43 -4.93
C06 QZG D . -15.02 20.70 -6.21
C07 QZG D . -14.90 22.05 -6.72
C08 QZG D . -14.72 19.75 -7.25
C09 QZG D . -13.42 18.95 -3.09
C11 QZG D . -11.35 18.29 -2.02
C12 QZG D . -11.22 16.73 -1.54
C13 QZG D . -12.46 16.06 -1.23
C14 QZG D . -12.23 14.66 -0.88
C16 QZG D . -13.29 15.54 0.86
C17 QZG D . -13.01 16.64 -0.04
C19 QZG D . -9.99 19.02 -2.36
C23 QZG D . -17.64 16.42 -2.23
C24 QZG D . -17.51 16.16 -0.78
C25 QZG D . -18.47 15.30 -0.02
C26 QZG D . -19.89 15.19 -0.56
C30 QZG D . -19.86 15.22 -2.03
C31 QZG D . -19.09 16.37 -2.52
N03 QZG D . -15.65 18.77 -3.89
N10 QZG D . -12.21 18.41 -3.17
N15 QZG D . -12.74 14.46 0.28
O01 QZG D . -15.31 16.68 -3.40
O18 QZG D . -11.77 13.79 -1.49
O20 QZG D . -9.15 18.72 -1.28
O21 QZG D . -13.79 19.28 -2.09
O22 QZG D . -17.10 17.57 -2.65
#